data_6JZB
#
_entry.id   6JZB
#
_cell.length_a   47.584
_cell.length_b   104.242
_cell.length_c   234.622
_cell.angle_alpha   90.00
_cell.angle_beta   90.00
_cell.angle_gamma   90.00
#
_symmetry.space_group_name_H-M   'I 21 21 21'
#
loop_
_entity.id
_entity.type
_entity.pdbx_description
1 polymer 'Chaperone protein DnaJ'
2 non-polymer 'ZINC ION'
#
_entity_poly.entity_id   1
_entity_poly.type   'polypeptide(L)'
_entity_poly.pdbx_seq_one_letter_code
;MGHHHHHHNNTEFYDRLGVSKNASADEIKKAYRKLSKKYHPDINKEPGAEDKYKEVQEAYETLSDDQKRAAYDQYGAAGA
NGGFGGAGGFGGFNGAGGFGGFEDIFSSFFGGGGSSRNPNAPRQGDDLQYRVNLTFEEAIFGTEKEVKYHREAGCRTCNG
SGAKPGTSPVTCGRCHGAGVINVDTQTPLGMMRRQVTCDVCHGRGKEIKYPCTTCHGTGHEKQAHSVHVKIPAGVETGQQ
IRLAGQGEAGFNGGPYGDLYVVVSVEASDKFEREGTTIFYNLNLNFVQAALGDTVDIPTVHGDVELVIPEGTQTGKKFRL
RSKGAPSLRGGAVGDQYVTVNVVTPTGLNDRQKVALKEFAAAGDLKVNPKKKGFFDHIKDAFDGE
;
_entity_poly.pdbx_strand_id   A
#
# COMPACT_ATOMS: atom_id res chain seq x y z
N SER A 115 -15.97 18.61 -14.78
CA SER A 115 -16.23 20.02 -14.52
C SER A 115 -16.01 20.93 -15.77
N SER A 116 -16.27 20.40 -16.97
CA SER A 116 -16.01 21.12 -18.21
C SER A 116 -16.98 20.68 -19.29
N ARG A 117 -17.46 21.64 -20.09
CA ARG A 117 -18.59 21.38 -20.96
C ARG A 117 -18.19 20.64 -22.24
N ASN A 118 -16.94 20.78 -22.69
CA ASN A 118 -16.45 20.16 -23.92
C ASN A 118 -16.45 18.65 -23.77
N PRO A 119 -17.42 17.92 -24.34
CA PRO A 119 -17.46 16.46 -24.14
C PRO A 119 -16.18 15.73 -24.50
N ASN A 120 -15.43 16.20 -25.50
CA ASN A 120 -14.14 15.59 -25.86
C ASN A 120 -12.96 16.36 -25.27
N ALA A 121 -13.15 16.97 -24.10
CA ALA A 121 -12.06 17.56 -23.34
C ALA A 121 -11.14 16.48 -22.78
N PRO A 122 -9.88 16.81 -22.52
CA PRO A 122 -8.96 15.84 -21.93
C PRO A 122 -9.26 15.62 -20.45
N ARG A 123 -9.01 14.38 -20.03
CA ARG A 123 -9.43 13.91 -18.71
C ARG A 123 -8.46 12.82 -18.28
N GLN A 124 -8.13 12.81 -16.98
CA GLN A 124 -7.11 11.91 -16.47
C GLN A 124 -7.67 10.49 -16.36
N GLY A 125 -6.79 9.52 -16.56
CA GLY A 125 -7.16 8.12 -16.39
C GLY A 125 -7.44 7.74 -14.94
N ASP A 126 -8.10 6.59 -14.79
CA ASP A 126 -8.41 6.03 -13.47
C ASP A 126 -7.11 5.76 -12.68
N ASP A 127 -7.19 5.95 -11.37
CA ASP A 127 -6.09 5.55 -10.49
C ASP A 127 -6.14 4.03 -10.26
N LEU A 128 -5.02 3.45 -9.82
CA LEU A 128 -5.03 2.03 -9.41
C LEU A 128 -4.48 1.84 -7.99
N GLN A 129 -4.94 0.76 -7.36
CA GLN A 129 -4.49 0.34 -6.03
C GLN A 129 -3.94 -1.08 -6.04
N TYR A 130 -2.70 -1.24 -5.54
CA TYR A 130 -2.10 -2.54 -5.22
C TYR A 130 -1.83 -2.64 -3.72
N ARG A 131 -2.39 -3.69 -3.09
CA ARG A 131 -2.07 -4.09 -1.71
C ARG A 131 -0.89 -5.06 -1.76
N VAL A 132 0.25 -4.61 -1.26
CA VAL A 132 1.47 -5.42 -1.25
C VAL A 132 1.76 -5.99 0.16
N ASN A 133 1.90 -7.32 0.26
CA ASN A 133 2.12 -8.00 1.55
C ASN A 133 3.58 -8.01 1.93
N LEU A 134 3.89 -7.48 3.12
CA LEU A 134 5.25 -7.50 3.65
C LEU A 134 5.39 -8.37 4.90
N THR A 135 6.59 -8.90 5.08
CA THR A 135 6.89 -9.48 6.38
C THR A 135 7.16 -8.38 7.39
N PHE A 136 7.08 -8.77 8.67
CA PHE A 136 7.32 -7.86 9.78
C PHE A 136 8.60 -7.08 9.56
N GLU A 137 9.65 -7.77 9.13
CA GLU A 137 10.94 -7.13 9.02
C GLU A 137 11.07 -6.32 7.73
N GLU A 138 10.57 -6.88 6.62
CA GLU A 138 10.56 -6.12 5.38
C GLU A 138 10.04 -4.72 5.63
N ALA A 139 8.97 -4.61 6.40
CA ALA A 139 8.44 -3.29 6.72
C ALA A 139 9.40 -2.52 7.60
N ILE A 140 10.02 -3.18 8.62
CA ILE A 140 10.93 -2.45 9.50
C ILE A 140 12.04 -1.83 8.69
N PHE A 141 12.67 -2.63 7.83
CA PHE A 141 13.75 -2.13 7.00
C PHE A 141 13.18 -1.61 5.68
N GLY A 142 14.07 -1.23 4.79
CA GLY A 142 13.64 -0.95 3.44
C GLY A 142 13.32 -2.26 2.73
N THR A 143 12.95 -2.11 1.45
CA THR A 143 12.86 -3.23 0.53
C THR A 143 12.44 -2.70 -0.84
N GLU A 144 12.33 -3.60 -1.82
CA GLU A 144 11.97 -3.23 -3.17
C GLU A 144 11.19 -4.37 -3.76
N LYS A 145 10.18 -4.04 -4.59
CA LYS A 145 9.46 -5.07 -5.32
C LYS A 145 9.15 -4.61 -6.74
N GLU A 146 9.05 -5.60 -7.63
CA GLU A 146 8.47 -5.44 -8.96
C GLU A 146 7.03 -5.92 -8.86
N VAL A 147 6.13 -5.12 -9.38
CA VAL A 147 4.72 -5.38 -9.30
C VAL A 147 4.24 -5.65 -10.73
N LYS A 148 3.71 -6.83 -10.95
CA LYS A 148 3.20 -7.20 -12.27
C LYS A 148 1.68 -7.07 -12.21
N TYR A 149 1.10 -6.45 -13.25
CA TYR A 149 -0.36 -6.37 -13.39
C TYR A 149 -0.73 -5.96 -14.82
N HIS A 150 -2.04 -6.04 -15.08
CA HIS A 150 -2.65 -5.62 -16.35
C HIS A 150 -3.42 -4.30 -16.17
N ARG A 151 -2.88 -3.22 -16.74
CA ARG A 151 -3.59 -1.96 -16.84
C ARG A 151 -4.22 -1.77 -18.24
N GLU A 152 -5.10 -0.78 -18.32
CA GLU A 152 -5.54 -0.27 -19.61
C GLU A 152 -4.60 0.87 -19.98
N ALA A 153 -3.93 0.76 -21.12
CA ALA A 153 -2.81 1.66 -21.41
C ALA A 153 -2.94 2.50 -22.68
N GLY A 154 -3.69 2.07 -23.68
CA GLY A 154 -3.65 2.88 -24.89
C GLY A 154 -2.86 2.28 -26.04
N CYS A 155 -3.58 1.92 -27.10
CA CYS A 155 -3.09 0.91 -28.03
C CYS A 155 -1.71 1.26 -28.61
N ARG A 156 -0.75 0.36 -28.47
CA ARG A 156 0.46 0.53 -29.27
C ARG A 156 0.19 0.07 -30.70
N THR A 157 -0.83 -0.78 -30.88
CA THR A 157 -1.12 -1.35 -32.20
C THR A 157 -1.69 -0.27 -33.11
N CYS A 158 -2.51 0.64 -32.55
CA CYS A 158 -3.07 1.79 -33.27
C CYS A 158 -2.55 3.18 -32.88
N ASN A 159 -1.56 3.33 -31.99
CA ASN A 159 -1.08 4.62 -31.57
C ASN A 159 -2.11 5.52 -30.88
N GLY A 160 -3.09 4.89 -30.26
CA GLY A 160 -4.11 5.61 -29.52
C GLY A 160 -5.40 6.02 -30.18
N SER A 161 -5.45 5.95 -31.49
CA SER A 161 -6.66 6.29 -32.25
C SER A 161 -7.14 4.95 -32.70
N GLY A 162 -8.40 4.62 -32.47
CA GLY A 162 -8.83 3.27 -32.77
C GLY A 162 -9.10 3.00 -34.22
N ALA A 163 -8.08 3.17 -35.05
CA ALA A 163 -8.25 2.92 -36.47
C ALA A 163 -7.22 1.97 -37.03
N LYS A 164 -7.66 1.00 -37.80
CA LYS A 164 -6.72 0.03 -38.37
C LYS A 164 -5.55 0.77 -38.95
N PRO A 165 -4.35 0.43 -38.52
CA PRO A 165 -3.22 1.22 -39.02
C PRO A 165 -3.30 1.30 -40.53
N GLY A 166 -2.81 2.42 -41.07
CA GLY A 166 -3.05 2.70 -42.46
C GLY A 166 -4.47 3.10 -42.82
N THR A 167 -5.39 3.15 -41.86
CA THR A 167 -6.59 3.97 -42.00
C THR A 167 -6.51 5.13 -40.99
N SER A 168 -7.45 6.08 -41.08
CA SER A 168 -7.41 7.34 -40.32
C SER A 168 -8.78 7.82 -39.85
N PRO A 169 -8.90 8.33 -38.62
CA PRO A 169 -10.06 9.15 -38.29
C PRO A 169 -10.26 10.21 -39.35
N VAL A 170 -11.54 10.44 -39.69
CA VAL A 170 -11.88 11.37 -40.75
C VAL A 170 -13.01 12.27 -40.30
N THR A 171 -13.06 13.47 -40.88
CA THR A 171 -14.09 14.45 -40.55
C THR A 171 -15.49 13.87 -40.72
N CYS A 172 -16.35 14.21 -39.77
CA CYS A 172 -17.65 13.58 -39.60
C CYS A 172 -18.60 13.88 -40.76
N GLY A 173 -19.39 12.87 -41.13
CA GLY A 173 -20.20 12.90 -42.34
C GLY A 173 -21.56 13.50 -42.01
N ARG A 174 -21.60 14.17 -40.88
CA ARG A 174 -22.77 14.94 -40.49
C ARG A 174 -22.30 16.29 -39.96
N CYS A 175 -21.70 16.27 -38.77
CA CYS A 175 -21.22 17.49 -38.14
C CYS A 175 -20.18 18.21 -38.99
N HIS A 176 -19.72 17.60 -40.08
CA HIS A 176 -18.78 18.22 -41.02
C HIS A 176 -17.50 18.69 -40.33
N GLY A 177 -17.07 18.01 -39.28
CA GLY A 177 -15.94 18.45 -38.50
C GLY A 177 -16.29 19.39 -37.36
N ALA A 178 -17.52 19.31 -36.85
CA ALA A 178 -17.97 20.19 -35.77
C ALA A 178 -18.20 19.47 -34.46
N GLY A 179 -18.58 18.19 -34.49
CA GLY A 179 -18.99 17.47 -33.32
C GLY A 179 -20.39 17.79 -32.86
N VAL A 180 -21.01 18.82 -33.44
CA VAL A 180 -22.27 19.33 -32.96
C VAL A 180 -23.16 19.72 -34.12
N ILE A 181 -24.46 19.64 -33.88
CA ILE A 181 -25.46 20.04 -34.86
C ILE A 181 -26.17 21.29 -34.36
N ASN A 182 -26.04 22.37 -35.14
CA ASN A 182 -26.80 23.59 -34.86
C ASN A 182 -28.27 23.31 -35.09
N VAL A 183 -29.10 23.84 -34.19
CA VAL A 183 -30.54 23.56 -34.21
C VAL A 183 -31.30 24.88 -34.11
N ASP A 184 -31.79 25.35 -35.26
CA ASP A 184 -32.18 26.73 -35.47
C ASP A 184 -33.69 26.82 -35.64
N THR A 185 -34.31 27.70 -34.88
CA THR A 185 -35.76 27.81 -34.86
C THR A 185 -36.18 29.28 -35.06
N GLN A 186 -37.05 29.52 -36.03
CA GLN A 186 -37.46 30.87 -36.40
C GLN A 186 -38.45 31.45 -35.41
N THR A 187 -38.07 32.56 -34.75
CA THR A 187 -38.99 33.32 -33.90
C THR A 187 -39.64 34.46 -34.68
N PRO A 188 -40.69 35.06 -34.11
CA PRO A 188 -41.11 36.39 -34.59
C PRO A 188 -39.97 37.39 -34.74
N LEU A 189 -39.16 37.58 -33.68
CA LEU A 189 -38.12 38.61 -33.63
C LEU A 189 -36.76 38.18 -34.19
N GLY A 190 -36.61 36.92 -34.65
CA GLY A 190 -35.29 36.46 -35.04
C GLY A 190 -35.09 34.96 -35.23
N MET A 191 -34.11 34.39 -34.52
CA MET A 191 -33.73 32.99 -34.68
C MET A 191 -33.12 32.48 -33.38
N MET A 192 -33.47 31.25 -33.04
CA MET A 192 -32.93 30.54 -31.88
C MET A 192 -31.96 29.48 -32.38
N ARG A 193 -30.76 29.47 -31.82
CA ARG A 193 -29.76 28.44 -32.15
C ARG A 193 -29.48 27.62 -30.90
N ARG A 194 -29.80 26.33 -30.96
CA ARG A 194 -29.44 25.35 -29.94
C ARG A 194 -28.38 24.41 -30.51
N GLN A 195 -27.25 24.30 -29.82
CA GLN A 195 -26.25 23.28 -30.13
C GLN A 195 -26.59 22.00 -29.36
N VAL A 196 -26.69 20.89 -30.08
CA VAL A 196 -26.81 19.56 -29.48
C VAL A 196 -25.73 18.67 -30.09
N THR A 197 -25.01 17.94 -29.23
CA THR A 197 -23.85 17.17 -29.65
C THR A 197 -24.21 16.12 -30.71
N CYS A 198 -23.26 15.89 -31.63
CA CYS A 198 -23.54 15.29 -32.93
C CYS A 198 -24.23 13.94 -32.80
N ASP A 199 -25.11 13.64 -33.77
CA ASP A 199 -25.73 12.31 -33.80
C ASP A 199 -24.68 11.20 -33.76
N VAL A 200 -23.58 11.40 -34.48
CA VAL A 200 -22.66 10.30 -34.78
C VAL A 200 -21.38 10.49 -33.97
N CYS A 201 -20.52 11.43 -34.35
CA CYS A 201 -19.14 11.44 -33.83
C CYS A 201 -19.01 11.79 -32.33
N HIS A 202 -19.90 12.65 -31.75
CA HIS A 202 -19.91 12.98 -30.35
C HIS A 202 -18.53 13.55 -29.95
N GLY A 203 -17.49 13.62 -31.10
CA GLY A 203 -16.15 14.09 -30.89
C GLY A 203 -15.87 14.95 -32.09
N ARG A 204 -14.89 14.56 -32.89
CA ARG A 204 -14.58 15.32 -34.08
C ARG A 204 -14.70 14.53 -35.41
N GLY A 205 -13.83 13.53 -35.60
CA GLY A 205 -13.82 12.74 -36.82
C GLY A 205 -14.72 11.53 -36.68
N LYS A 206 -14.69 10.67 -37.69
CA LYS A 206 -15.55 9.49 -37.66
C LYS A 206 -14.92 8.27 -38.33
N GLU A 207 -13.64 7.98 -38.12
CA GLU A 207 -13.10 6.75 -38.73
C GLU A 207 -13.62 5.58 -37.93
N ILE A 208 -14.86 5.24 -38.23
CA ILE A 208 -15.52 4.08 -37.67
C ILE A 208 -15.56 2.95 -38.68
N LYS A 209 -15.40 3.24 -39.97
CA LYS A 209 -15.52 2.19 -40.96
C LYS A 209 -14.35 1.21 -40.83
N TYR A 210 -13.20 1.66 -40.33
CA TYR A 210 -12.02 0.79 -40.18
C TYR A 210 -11.31 0.96 -38.84
N PRO A 211 -11.84 0.36 -37.76
CA PRO A 211 -11.22 0.51 -36.44
C PRO A 211 -10.11 -0.50 -36.18
N CYS A 212 -9.25 -0.16 -35.23
CA CYS A 212 -8.17 -1.05 -34.84
C CYS A 212 -8.71 -2.36 -34.28
N THR A 213 -7.99 -3.45 -34.56
CA THR A 213 -8.50 -4.80 -34.34
C THR A 213 -8.50 -5.18 -32.86
N THR A 214 -7.50 -4.71 -32.11
CA THR A 214 -7.23 -5.19 -30.76
C THR A 214 -8.05 -4.41 -29.74
N CYS A 215 -8.11 -3.09 -29.90
CA CYS A 215 -8.82 -2.19 -29.00
C CYS A 215 -10.25 -1.93 -29.41
N HIS A 216 -10.76 -2.63 -30.43
CA HIS A 216 -12.13 -2.47 -30.91
C HIS A 216 -12.54 -1.01 -31.09
N GLY A 217 -11.60 -0.11 -31.36
CA GLY A 217 -11.96 1.26 -31.69
C GLY A 217 -11.61 2.33 -30.68
N THR A 218 -11.92 2.12 -29.39
CA THR A 218 -11.46 3.01 -28.33
C THR A 218 -9.99 2.78 -28.11
N GLY A 219 -9.21 3.85 -28.05
CA GLY A 219 -7.77 3.71 -28.14
C GLY A 219 -7.05 2.99 -27.00
N HIS A 220 -7.70 2.11 -26.23
CA HIS A 220 -7.15 1.63 -24.96
C HIS A 220 -7.01 0.12 -24.98
N GLU A 221 -5.75 -0.33 -24.94
CA GLU A 221 -5.40 -1.75 -24.92
C GLU A 221 -5.15 -2.15 -23.47
N LYS A 222 -5.55 -3.37 -23.12
CA LYS A 222 -5.11 -4.00 -21.88
C LYS A 222 -3.63 -4.40 -22.02
N GLN A 223 -2.74 -3.64 -21.39
CA GLN A 223 -1.33 -3.97 -21.38
C GLN A 223 -0.94 -4.87 -20.19
N ALA A 224 0.29 -5.36 -20.24
CA ALA A 224 0.92 -5.99 -19.08
C ALA A 224 2.02 -5.04 -18.66
N HIS A 225 2.06 -4.74 -17.36
CA HIS A 225 2.92 -3.67 -16.90
C HIS A 225 3.62 -4.13 -15.64
N SER A 226 4.76 -3.50 -15.35
CA SER A 226 5.55 -3.84 -14.19
C SER A 226 6.21 -2.56 -13.69
N VAL A 227 6.42 -2.50 -12.37
CA VAL A 227 6.83 -1.27 -11.69
C VAL A 227 7.83 -1.62 -10.59
N HIS A 228 8.84 -0.77 -10.44
CA HIS A 228 9.90 -0.98 -9.49
C HIS A 228 9.70 -0.01 -8.33
N VAL A 229 9.43 -0.58 -7.16
CA VAL A 229 8.95 0.20 -6.02
C VAL A 229 9.97 0.15 -4.89
N LYS A 230 10.44 1.31 -4.46
CA LYS A 230 11.24 1.41 -3.23
C LYS A 230 10.26 1.66 -2.08
N ILE A 231 10.12 0.64 -1.22
CA ILE A 231 9.50 0.75 0.10
C ILE A 231 10.50 1.33 1.09
N PRO A 232 10.27 2.50 1.64
CA PRO A 232 11.22 3.03 2.61
C PRO A 232 11.03 2.32 3.94
N ALA A 233 12.12 2.29 4.70
CA ALA A 233 12.13 1.64 5.99
C ALA A 233 11.13 2.30 6.93
N GLY A 234 10.39 1.49 7.67
CA GLY A 234 9.54 2.06 8.69
C GLY A 234 8.08 2.18 8.36
N VAL A 235 7.62 1.58 7.32
CA VAL A 235 6.24 1.74 6.94
C VAL A 235 5.38 0.86 7.82
N GLU A 236 4.14 1.25 8.03
CA GLU A 236 3.17 0.46 8.75
C GLU A 236 2.01 0.07 7.83
N THR A 237 1.28 -0.97 8.21
CA THR A 237 0.14 -1.39 7.44
C THR A 237 -0.77 -0.21 7.10
N GLY A 238 -1.12 -0.10 5.82
CA GLY A 238 -1.99 0.96 5.39
C GLY A 238 -1.31 2.25 4.96
N GLN A 239 0.02 2.34 5.03
CA GLN A 239 0.69 3.46 4.38
C GLN A 239 0.59 3.28 2.88
N GLN A 240 0.39 4.39 2.18
CA GLN A 240 0.27 4.38 0.74
C GLN A 240 1.49 5.00 0.10
N ILE A 241 1.79 4.53 -1.10
CA ILE A 241 2.78 5.16 -1.95
C ILE A 241 2.11 5.48 -3.28
N ARG A 242 2.33 6.72 -3.74
CA ARG A 242 1.80 7.20 -5.01
C ARG A 242 2.90 7.13 -6.05
N LEU A 243 2.66 6.34 -7.10
CA LEU A 243 3.52 6.30 -8.27
C LEU A 243 2.77 6.94 -9.43
N ALA A 244 3.32 8.02 -9.97
CA ALA A 244 2.56 8.95 -10.81
C ALA A 244 2.10 8.32 -12.13
N GLY A 245 3.04 7.76 -12.89
CA GLY A 245 2.69 7.39 -14.25
C GLY A 245 1.75 6.21 -14.37
N GLN A 246 1.69 5.37 -13.37
CA GLN A 246 1.11 4.05 -13.55
C GLN A 246 -0.38 4.16 -13.31
N GLY A 247 -1.09 3.06 -13.32
CA GLY A 247 -2.54 3.24 -13.45
C GLY A 247 -3.00 3.66 -14.84
N GLU A 248 -4.32 3.70 -15.04
CA GLU A 248 -4.94 3.53 -16.35
C GLU A 248 -4.82 4.78 -17.29
N ALA A 249 -5.05 4.51 -18.56
CA ALA A 249 -4.82 5.50 -19.61
C ALA A 249 -5.84 6.65 -19.58
N GLY A 250 -5.32 7.85 -19.91
CA GLY A 250 -6.17 9.02 -20.04
C GLY A 250 -7.00 9.01 -21.30
N PHE A 251 -8.02 9.87 -21.32
CA PHE A 251 -8.91 9.99 -22.48
C PHE A 251 -8.63 11.30 -23.25
N ASN A 252 -8.98 11.29 -24.54
CA ASN A 252 -8.79 12.43 -25.45
C ASN A 252 -7.42 13.06 -25.23
N GLY A 253 -6.40 12.24 -25.04
CA GLY A 253 -5.06 12.75 -24.83
C GLY A 253 -4.78 13.31 -23.46
N GLY A 254 -5.65 13.06 -22.50
CA GLY A 254 -5.39 13.44 -21.14
C GLY A 254 -4.27 12.59 -20.51
N PRO A 255 -3.96 12.90 -19.25
CA PRO A 255 -2.83 12.23 -18.59
C PRO A 255 -3.19 10.85 -18.03
N TYR A 256 -2.11 10.11 -17.76
CA TYR A 256 -2.21 8.82 -17.11
C TYR A 256 -2.56 8.94 -15.63
N GLY A 257 -3.37 7.99 -15.17
CA GLY A 257 -3.61 7.81 -13.75
C GLY A 257 -2.38 7.57 -12.87
N ASP A 258 -2.60 7.49 -11.57
CA ASP A 258 -1.57 7.12 -10.61
C ASP A 258 -1.78 5.69 -10.13
N LEU A 259 -0.67 5.06 -9.72
CA LEU A 259 -0.72 3.80 -8.98
C LEU A 259 -0.46 4.08 -7.51
N TYR A 260 -1.29 3.47 -6.67
CA TYR A 260 -1.24 3.62 -5.22
C TYR A 260 -1.02 2.24 -4.61
N VAL A 261 0.11 2.01 -3.97
CA VAL A 261 0.28 0.75 -3.22
C VAL A 261 0.07 0.98 -1.74
N VAL A 262 -0.75 0.14 -1.13
CA VAL A 262 -0.91 0.10 0.32
C VAL A 262 -0.07 -1.04 0.88
N VAL A 263 0.76 -0.69 1.86
CA VAL A 263 1.50 -1.69 2.63
C VAL A 263 0.52 -2.49 3.49
N SER A 264 0.62 -3.81 3.44
CA SER A 264 -0.02 -4.70 4.43
C SER A 264 1.01 -5.62 5.13
N VAL A 265 1.34 -5.30 6.40
CA VAL A 265 2.45 -5.93 7.14
C VAL A 265 2.00 -7.16 7.89
N GLU A 266 2.68 -8.28 7.67
CA GLU A 266 2.38 -9.48 8.43
C GLU A 266 2.91 -9.37 9.88
N ALA A 267 2.19 -10.02 10.80
CA ALA A 267 2.59 -10.15 12.19
C ALA A 267 3.99 -10.80 12.31
N SER A 268 4.66 -10.50 13.43
CA SER A 268 5.80 -11.27 13.91
C SER A 268 5.35 -12.34 14.88
N ASP A 269 6.15 -13.42 14.97
CA ASP A 269 5.97 -14.43 16.03
C ASP A 269 6.52 -13.99 17.39
N LYS A 270 7.35 -12.94 17.46
CA LYS A 270 8.03 -12.47 18.66
C LYS A 270 7.55 -11.10 19.14
N PHE A 271 7.31 -10.18 18.21
CA PHE A 271 7.22 -8.76 18.52
C PHE A 271 5.88 -8.16 18.13
N GLU A 272 5.44 -7.24 18.93
CA GLU A 272 4.44 -6.26 18.55
C GLU A 272 5.12 -4.92 18.21
N ARG A 273 4.42 -4.08 17.44
CA ARG A 273 5.02 -2.85 16.99
C ARG A 273 4.01 -1.72 17.02
N GLU A 274 4.54 -0.52 17.06
CA GLU A 274 3.71 0.66 16.94
C GLU A 274 4.61 1.84 16.68
N GLY A 275 4.61 2.28 15.42
CA GLY A 275 5.47 3.36 15.02
C GLY A 275 6.91 2.94 15.11
N THR A 276 7.72 3.80 15.72
CA THR A 276 9.13 3.46 15.86
C THR A 276 9.39 2.39 16.92
N THR A 277 8.40 2.01 17.70
CA THR A 277 8.64 1.26 18.92
C THR A 277 8.32 -0.21 18.73
N ILE A 278 9.24 -1.06 19.17
CA ILE A 278 9.05 -2.51 19.14
C ILE A 278 8.76 -2.98 20.56
N PHE A 279 8.06 -4.09 20.70
CA PHE A 279 7.58 -4.53 22.00
C PHE A 279 7.80 -6.01 22.09
N TYR A 280 8.47 -6.48 23.16
CA TYR A 280 8.70 -7.89 23.38
C TYR A 280 8.31 -8.24 24.80
N ASN A 281 7.64 -9.37 24.96
CA ASN A 281 7.33 -9.90 26.28
C ASN A 281 8.32 -11.00 26.67
N LEU A 282 8.80 -10.94 27.90
CA LEU A 282 9.78 -11.88 28.45
C LEU A 282 9.11 -12.72 29.52
N ASN A 283 9.01 -14.02 29.28
CA ASN A 283 8.56 -14.90 30.35
C ASN A 283 9.73 -15.36 31.18
N LEU A 284 9.64 -15.12 32.47
CA LEU A 284 10.64 -15.52 33.42
C LEU A 284 10.03 -16.54 34.37
N ASN A 285 10.84 -17.50 34.81
CA ASN A 285 10.29 -18.35 35.87
C ASN A 285 10.60 -17.76 37.26
N PHE A 286 9.82 -18.16 38.25
CA PHE A 286 10.12 -17.90 39.66
C PHE A 286 11.62 -17.89 40.02
N VAL A 287 12.36 -18.89 39.61
CA VAL A 287 13.74 -18.95 40.06
C VAL A 287 14.51 -17.79 39.45
N GLN A 288 14.44 -17.64 38.13
CA GLN A 288 15.04 -16.48 37.47
C GLN A 288 14.57 -15.14 38.08
N ALA A 289 13.29 -15.02 38.44
CA ALA A 289 12.81 -13.76 38.97
C ALA A 289 13.47 -13.45 40.31
N ALA A 290 13.49 -14.45 41.20
CA ALA A 290 14.01 -14.27 42.55
C ALA A 290 15.51 -14.05 42.57
N LEU A 291 16.25 -14.85 41.85
CA LEU A 291 17.70 -14.76 41.92
C LEU A 291 18.31 -13.90 40.84
N GLY A 292 17.52 -13.44 39.89
CA GLY A 292 18.06 -12.76 38.73
C GLY A 292 18.68 -13.75 37.77
N ASP A 293 18.99 -13.27 36.56
CA ASP A 293 19.50 -14.13 35.51
C ASP A 293 19.91 -13.24 34.35
N THR A 294 20.52 -13.85 33.35
CA THR A 294 20.91 -13.12 32.15
C THR A 294 20.34 -13.87 30.97
N VAL A 295 19.51 -13.18 30.19
CA VAL A 295 18.81 -13.82 29.07
C VAL A 295 19.18 -13.15 27.77
N ASP A 296 19.20 -13.97 26.72
CA ASP A 296 19.29 -13.44 25.37
C ASP A 296 17.90 -12.99 24.91
N ILE A 297 17.84 -11.79 24.40
CA ILE A 297 16.58 -11.17 24.00
C ILE A 297 16.58 -11.01 22.50
N PRO A 298 15.62 -11.59 21.79
CA PRO A 298 15.53 -11.39 20.32
C PRO A 298 15.32 -9.92 19.98
N THR A 299 15.86 -9.52 18.82
CA THR A 299 15.67 -8.16 18.34
C THR A 299 15.60 -8.17 16.81
N VAL A 300 14.92 -7.20 16.20
CA VAL A 300 14.90 -7.26 14.73
C VAL A 300 16.31 -7.04 14.19
N HIS A 301 17.18 -6.37 14.95
CA HIS A 301 18.61 -6.21 14.66
C HIS A 301 19.51 -7.37 15.16
N GLY A 302 18.97 -8.50 15.63
CA GLY A 302 19.77 -9.56 16.22
C GLY A 302 19.77 -9.53 17.75
N ASP A 303 20.38 -10.55 18.36
CA ASP A 303 20.14 -10.79 19.78
C ASP A 303 21.00 -9.95 20.74
N VAL A 304 20.46 -9.84 21.94
CA VAL A 304 20.90 -8.87 22.91
C VAL A 304 20.80 -9.49 24.28
N GLU A 305 21.89 -9.41 25.05
CA GLU A 305 21.89 -10.00 26.37
C GLU A 305 21.33 -8.98 27.32
N LEU A 306 20.41 -9.41 28.15
CA LEU A 306 19.79 -8.57 29.15
C LEU A 306 19.96 -9.18 30.53
N VAL A 307 20.24 -8.30 31.49
CA VAL A 307 20.55 -8.67 32.86
C VAL A 307 19.36 -8.36 33.73
N ILE A 308 18.84 -9.40 34.36
CA ILE A 308 17.67 -9.32 35.21
C ILE A 308 18.15 -9.26 36.65
N PRO A 309 17.87 -8.20 37.38
CA PRO A 309 18.32 -8.12 38.76
C PRO A 309 17.69 -9.19 39.60
N GLU A 310 18.34 -9.48 40.71
CA GLU A 310 17.71 -10.30 41.72
C GLU A 310 16.57 -9.51 42.33
N GLY A 311 15.40 -10.10 42.35
CA GLY A 311 14.27 -9.46 42.95
C GLY A 311 13.25 -8.92 41.96
N THR A 312 13.32 -9.31 40.67
CA THR A 312 12.51 -8.67 39.68
C THR A 312 11.03 -8.95 39.88
N GLN A 313 10.29 -7.86 40.01
CA GLN A 313 8.87 -7.87 40.02
C GLN A 313 8.39 -8.01 38.58
N THR A 314 7.31 -8.73 38.43
CA THR A 314 6.60 -8.78 37.20
C THR A 314 6.00 -7.43 36.85
N GLY A 315 5.99 -7.16 35.55
CA GLY A 315 5.64 -5.89 34.99
C GLY A 315 6.84 -5.03 34.62
N LYS A 316 8.03 -5.37 35.08
CA LYS A 316 9.09 -4.42 34.88
C LYS A 316 9.33 -4.21 33.38
N LYS A 317 9.52 -2.96 32.98
CA LYS A 317 9.75 -2.59 31.59
C LYS A 317 11.22 -2.24 31.44
N PHE A 318 11.91 -2.93 30.56
CA PHE A 318 13.27 -2.61 30.16
C PHE A 318 13.30 -1.96 28.77
N ARG A 319 14.08 -0.91 28.63
CA ARG A 319 14.12 -0.10 27.41
C ARG A 319 15.47 -0.24 26.74
N LEU A 320 15.50 -0.99 25.61
CA LEU A 320 16.65 -1.15 24.75
C LEU A 320 16.70 -0.02 23.73
N ARG A 321 17.75 0.79 23.78
CA ARG A 321 17.76 2.02 22.98
C ARG A 321 18.16 1.70 21.56
N SER A 322 17.41 2.30 20.61
CA SER A 322 17.76 2.21 19.20
C SER A 322 17.75 0.76 18.69
N LYS A 323 16.89 -0.08 19.27
CA LYS A 323 16.68 -1.41 18.74
C LYS A 323 15.26 -1.56 18.19
N GLY A 324 14.51 -0.45 18.09
CA GLY A 324 13.18 -0.44 17.53
C GLY A 324 13.15 -0.23 16.02
N ALA A 325 12.12 0.47 15.54
CA ALA A 325 12.01 0.69 14.08
C ALA A 325 12.54 2.06 13.66
N PRO A 326 13.14 2.14 12.47
CA PRO A 326 13.44 3.44 11.86
C PRO A 326 12.19 4.29 11.56
N SER A 327 12.29 5.60 11.81
CA SER A 327 11.13 6.49 11.57
C SER A 327 11.03 6.94 10.10
N LEU A 328 9.80 6.98 9.59
CA LEU A 328 9.58 7.49 8.22
C LEU A 328 10.02 8.94 8.10
N ARG A 329 9.61 9.78 9.05
CA ARG A 329 9.89 11.21 8.96
C ARG A 329 11.29 11.58 9.43
N GLY A 330 12.33 10.94 8.88
CA GLY A 330 13.71 11.25 9.22
C GLY A 330 14.22 11.05 10.65
N GLY A 331 13.42 10.50 11.56
CA GLY A 331 13.84 10.39 12.94
C GLY A 331 14.89 9.31 13.20
N ALA A 332 15.47 9.34 14.40
CA ALA A 332 16.40 8.28 14.77
C ALA A 332 15.62 7.01 15.07
N VAL A 333 16.34 5.88 15.07
CA VAL A 333 15.67 4.61 15.28
C VAL A 333 14.97 4.64 16.63
N GLY A 334 13.81 4.02 16.71
CA GLY A 334 13.11 3.88 17.97
C GLY A 334 13.68 2.77 18.87
N ASP A 335 12.92 2.51 19.90
CA ASP A 335 13.37 1.63 20.96
C ASP A 335 12.51 0.39 21.06
N GLN A 336 13.15 -0.70 21.50
CA GLN A 336 12.48 -1.93 21.83
C GLN A 336 12.29 -1.96 23.33
N TYR A 337 11.06 -2.10 23.79
CA TYR A 337 10.71 -2.17 25.21
C TYR A 337 10.42 -3.62 25.53
N VAL A 338 11.16 -4.19 26.52
CA VAL A 338 10.96 -5.57 27.00
C VAL A 338 10.15 -5.50 28.27
N THR A 339 9.13 -6.33 28.36
CA THR A 339 8.25 -6.30 29.52
C THR A 339 8.23 -7.69 30.11
N VAL A 340 8.46 -7.75 31.40
CA VAL A 340 8.69 -9.00 32.10
C VAL A 340 7.35 -9.56 32.52
N ASN A 341 7.16 -10.84 32.27
CA ASN A 341 6.07 -11.57 32.88
C ASN A 341 6.60 -12.79 33.64
N VAL A 342 6.18 -12.90 34.88
CA VAL A 342 6.60 -13.96 35.77
C VAL A 342 5.56 -15.07 35.68
N VAL A 343 6.04 -16.27 35.35
CA VAL A 343 5.15 -17.42 35.18
C VAL A 343 5.13 -18.26 36.45
N THR A 344 3.98 -18.38 37.07
CA THR A 344 3.83 -19.39 38.11
C THR A 344 4.04 -20.77 37.51
N PRO A 345 4.69 -21.70 38.23
CA PRO A 345 4.87 -23.06 37.71
C PRO A 345 3.73 -23.97 38.08
N THR A 346 3.52 -24.97 37.22
CA THR A 346 2.34 -25.83 37.28
C THR A 346 2.81 -27.23 36.97
N GLY A 347 2.02 -28.21 37.37
CA GLY A 347 2.40 -29.59 37.07
C GLY A 347 3.64 -29.98 37.84
N LEU A 348 3.53 -29.80 39.15
CA LEU A 348 4.64 -29.85 40.08
C LEU A 348 4.70 -31.21 40.77
N ASN A 349 5.88 -31.79 40.78
CA ASN A 349 6.07 -33.08 41.44
C ASN A 349 6.27 -32.88 42.95
N ASP A 350 6.39 -33.97 43.68
CA ASP A 350 6.39 -33.81 45.14
C ASP A 350 7.71 -33.28 45.66
N ARG A 351 8.82 -33.60 44.99
CA ARG A 351 10.10 -33.02 45.42
C ARG A 351 10.02 -31.51 45.32
N GLN A 352 9.43 -31.01 44.22
CA GLN A 352 9.23 -29.58 44.00
C GLN A 352 8.34 -28.95 45.06
N LYS A 353 7.17 -29.54 45.35
CA LYS A 353 6.36 -28.98 46.44
C LYS A 353 7.09 -29.02 47.81
N VAL A 354 8.08 -29.89 47.98
CA VAL A 354 8.80 -29.88 49.24
C VAL A 354 9.74 -28.69 49.30
N ALA A 355 10.50 -28.47 48.22
CA ALA A 355 11.38 -27.31 48.20
C ALA A 355 10.62 -26.02 48.49
N LEU A 356 9.35 -25.90 48.05
CA LEU A 356 8.62 -24.65 48.25
C LEU A 356 8.11 -24.51 49.67
N LYS A 357 7.48 -25.56 50.21
CA LYS A 357 7.16 -25.56 51.64
C LYS A 357 8.44 -25.30 52.48
N GLU A 358 9.57 -25.89 52.08
CA GLU A 358 10.79 -25.60 52.80
C GLU A 358 11.31 -24.20 52.52
N PHE A 359 11.03 -23.67 51.32
CA PHE A 359 11.30 -22.26 51.04
C PHE A 359 10.47 -21.36 51.93
N ALA A 360 9.19 -21.68 52.07
CA ALA A 360 8.32 -20.86 52.91
C ALA A 360 8.83 -20.80 54.34
N ALA A 361 9.34 -21.92 54.88
CA ALA A 361 9.75 -21.98 56.29
C ALA A 361 11.04 -21.19 56.51
N ALA A 362 12.03 -21.34 55.64
CA ALA A 362 13.25 -20.58 55.76
C ALA A 362 13.04 -19.06 55.88
N GLY A 363 11.89 -18.55 55.48
CA GLY A 363 11.72 -17.11 55.26
C GLY A 363 10.63 -16.47 56.10
N ASP A 364 10.13 -17.28 57.01
CA ASP A 364 9.45 -16.79 58.20
C ASP A 364 10.18 -17.39 59.41
N LEU A 365 11.51 -17.20 59.38
CA LEU A 365 12.44 -17.50 60.48
C LEU A 365 13.51 -16.38 60.48
#